data_8G8R
#
_entry.id   8G8R
#
_cell.length_a   78.465
_cell.length_b   90.328
_cell.length_c   99.501
_cell.angle_alpha   90.000
_cell.angle_beta   90.000
_cell.angle_gamma   90.000
#
_symmetry.space_group_name_H-M   'P 21 21 21'
#
loop_
_entity.id
_entity.type
_entity.pdbx_description
1 polymer 'Importin subunit alpha-1'
2 polymer 'Transcription factor RelB'
3 non-polymer 2,3-DIHYDROXY-1,4-DITHIOBUTANE
4 water water
#
loop_
_entity_poly.entity_id
_entity_poly.type
_entity_poly.pdbx_seq_one_letter_code
_entity_poly.pdbx_strand_id
1 'polypeptide(L)'
;MHHHHHHSSGLVPRGSGMLETAAALFERNHMDSPDLGTDDDDLAMADIGSNQGTVNWSVEDIVKGINSNNLESQLQATQA
ARKLLSREKQPPIDNIIRAGLIPKFVSFLGKTDCSPIQFESAWALTNIASGTSEQTKAVVDGGAIPAFISLLASPHAHIS
EQAVWALGNIAGDGSAFRDLVIKHGAIDPLLALLAVPDLSTLACGYLRNLTWTLSNLCRNKNPAPPLDAVEQILPTLVRL
LHHNDPEVLADSCWAISYLTDGPNERIEMVVKKGVVPQLVKLLGATELPIVTPALRAIGNIVTGTDEQTQKVIDAGALAV
FPSLLTNPKTNIQKEATWTMSNITAGRQDQIQQVVNHGLVPFLVGVLSKADFKTQKEAAWAITNYTSGGTVEQIVYLVHC
GIIEPLMNLLSAKDTKIIQVILDAISNIFQAAEKLGETEKLSIMIEECGGLDKIEALQRHENESVYKASLNLIEKYFSVE
EEEDQNVVPETTSEGFAFQVQDGAPGTFNF
;
A
2 'polypeptide(L)' VDKKRKRGMPDVLGELNSSDPHGIESKRRKKKPA B
#
# COMPACT_ATOMS: atom_id res chain seq x y z
N GLY A 53 -40.70 13.02 8.39
CA GLY A 53 -40.52 12.67 9.78
C GLY A 53 -39.21 13.16 10.36
N THR A 54 -38.12 12.49 10.00
CA THR A 54 -36.77 12.84 10.46
C THR A 54 -35.90 13.39 9.33
N VAL A 55 -36.52 13.88 8.26
CA VAL A 55 -35.80 14.36 7.09
C VAL A 55 -35.73 15.88 7.14
N ASN A 56 -34.54 16.43 6.86
CA ASN A 56 -34.35 17.88 6.72
C ASN A 56 -34.56 18.63 8.01
N TRP A 57 -34.20 18.06 9.15
CA TRP A 57 -34.24 18.81 10.40
C TRP A 57 -33.13 19.85 10.43
N SER A 58 -33.38 20.95 11.12
CA SER A 58 -32.33 21.89 11.45
C SER A 58 -31.54 21.38 12.65
N VAL A 59 -30.27 21.78 12.71
CA VAL A 59 -29.46 21.43 13.87
C VAL A 59 -30.13 21.93 15.15
N GLU A 60 -30.80 23.07 15.07
CA GLU A 60 -31.51 23.60 16.23
C GLU A 60 -32.60 22.65 16.70
N ASP A 61 -33.42 22.13 15.77
CA ASP A 61 -34.44 21.16 16.14
C ASP A 61 -33.82 19.91 16.76
N ILE A 62 -32.72 19.42 16.16
CA ILE A 62 -32.06 18.24 16.69
C ILE A 62 -31.62 18.47 18.13
N VAL A 63 -31.06 19.64 18.40
CA VAL A 63 -30.60 19.96 19.75
C VAL A 63 -31.79 20.00 20.70
N LYS A 64 -32.89 20.61 20.27
CA LYS A 64 -34.05 20.71 21.16
C LYS A 64 -34.62 19.34 21.48
N GLY A 65 -34.58 18.42 20.53
CA GLY A 65 -35.09 17.08 20.77
C GLY A 65 -34.17 16.25 21.63
N ILE A 66 -32.86 16.40 21.44
CA ILE A 66 -31.91 15.63 22.23
C ILE A 66 -31.85 16.13 23.67
N ASN A 67 -32.13 17.42 23.88
CA ASN A 67 -32.07 17.98 25.23
C ASN A 67 -33.38 17.82 26.00
N SER A 68 -34.40 17.23 25.39
CA SER A 68 -35.59 16.86 26.15
C SER A 68 -35.29 15.62 26.99
N ASN A 69 -36.12 15.40 28.00
CA ASN A 69 -36.00 14.23 28.86
C ASN A 69 -36.79 13.04 28.34
N ASN A 70 -37.19 13.06 27.08
CA ASN A 70 -38.08 12.06 26.50
C ASN A 70 -37.25 11.17 25.59
N LEU A 71 -37.10 9.90 25.97
CA LEU A 71 -36.19 9.01 25.25
C LEU A 71 -36.60 8.87 23.80
N GLU A 72 -37.91 8.86 23.52
CA GLU A 72 -38.37 8.73 22.14
C GLU A 72 -38.09 10.00 21.34
N SER A 73 -38.29 11.18 21.94
CA SER A 73 -37.91 12.41 21.26
C SER A 73 -36.42 12.43 20.97
N GLN A 74 -35.60 11.98 21.93
CA GLN A 74 -34.17 11.89 21.69
C GLN A 74 -33.86 10.93 20.55
N LEU A 75 -34.57 9.80 20.48
CA LEU A 75 -34.40 8.87 19.38
C LEU A 75 -34.70 9.54 18.04
N GLN A 76 -35.83 10.25 17.96
CA GLN A 76 -36.20 10.92 16.72
C GLN A 76 -35.13 11.93 16.31
N ALA A 77 -34.67 12.75 17.26
CA ALA A 77 -33.67 13.76 16.94
C ALA A 77 -32.36 13.11 16.52
N THR A 78 -31.99 12.00 17.14
CA THR A 78 -30.75 11.31 16.78
C THR A 78 -30.84 10.72 15.38
N GLN A 79 -32.00 10.17 15.02
CA GLN A 79 -32.18 9.69 13.65
C GLN A 79 -32.10 10.84 12.66
N ALA A 80 -32.68 12.00 13.00
CA ALA A 80 -32.56 13.16 12.12
C ALA A 80 -31.10 13.56 11.96
N ALA A 81 -30.32 13.53 13.04
CA ALA A 81 -28.90 13.82 12.95
C ALA A 81 -28.20 12.83 12.03
N ARG A 82 -28.49 11.55 12.21
CA ARG A 82 -27.91 10.52 11.35
C ARG A 82 -28.20 10.81 9.88
N LYS A 83 -29.43 11.24 9.59
CA LYS A 83 -29.81 11.47 8.20
C LYS A 83 -29.12 12.71 7.64
N LEU A 84 -28.95 13.74 8.46
CA LEU A 84 -28.14 14.88 8.04
C LEU A 84 -26.72 14.44 7.70
N LEU A 85 -26.11 13.66 8.58
CA LEU A 85 -24.71 13.26 8.42
C LEU A 85 -24.51 12.21 7.33
N SER A 86 -25.58 11.59 6.84
CA SER A 86 -25.47 10.59 5.78
C SER A 86 -25.94 11.12 4.43
N ARG A 87 -26.06 12.45 4.30
CA ARG A 87 -26.45 13.03 3.02
C ARG A 87 -25.21 13.19 2.14
N GLU A 88 -25.45 13.25 0.83
CA GLU A 88 -24.34 13.20 -0.12
C GLU A 88 -23.55 14.50 -0.14
N LYS A 89 -24.22 15.63 -0.02
CA LYS A 89 -23.57 16.93 -0.16
C LYS A 89 -23.31 17.56 1.20
N GLN A 90 -22.06 18.00 1.41
CA GLN A 90 -21.66 18.85 2.53
C GLN A 90 -22.37 18.50 3.83
N PRO A 91 -22.12 17.32 4.40
CA PRO A 91 -22.73 16.98 5.68
C PRO A 91 -22.27 17.93 6.77
N PRO A 92 -23.19 18.44 7.60
CA PRO A 92 -22.84 19.49 8.57
C PRO A 92 -22.15 18.94 9.81
N ILE A 93 -20.97 18.37 9.62
CA ILE A 93 -20.26 17.74 10.74
C ILE A 93 -19.91 18.79 11.80
N ASP A 94 -19.30 19.90 11.37
CA ASP A 94 -18.83 20.90 12.32
C ASP A 94 -19.99 21.56 13.07
N ASN A 95 -21.14 21.75 12.41
CA ASN A 95 -22.30 22.29 13.10
C ASN A 95 -22.78 21.34 14.19
N ILE A 96 -22.77 20.04 13.91
CA ILE A 96 -23.17 19.06 14.91
C ILE A 96 -22.19 19.07 16.07
N ILE A 97 -20.89 19.18 15.78
CA ILE A 97 -19.89 19.20 16.84
C ILE A 97 -20.07 20.43 17.72
N ARG A 98 -20.17 21.61 17.09
CA ARG A 98 -20.27 22.84 17.85
C ARG A 98 -21.51 22.89 18.73
N ALA A 99 -22.57 22.15 18.34
CA ALA A 99 -23.79 22.11 19.14
C ALA A 99 -23.63 21.32 20.43
N GLY A 100 -22.48 20.69 20.64
CA GLY A 100 -22.25 19.92 21.85
C GLY A 100 -22.94 18.57 21.88
N LEU A 101 -23.22 17.98 20.72
CA LEU A 101 -24.02 16.76 20.65
C LEU A 101 -23.22 15.48 20.82
N ILE A 102 -21.90 15.52 20.70
CA ILE A 102 -21.12 14.28 20.75
C ILE A 102 -21.27 13.56 22.08
N PRO A 103 -21.13 14.23 23.23
CA PRO A 103 -21.31 13.51 24.50
C PRO A 103 -22.67 12.84 24.63
N LYS A 104 -23.72 13.49 24.14
CA LYS A 104 -25.06 12.88 24.20
CA LYS A 104 -25.06 12.88 24.20
C LYS A 104 -25.12 11.62 23.35
N PHE A 105 -24.57 11.67 22.13
CA PHE A 105 -24.54 10.48 21.28
C PHE A 105 -23.75 9.36 21.95
N VAL A 106 -22.59 9.70 22.51
CA VAL A 106 -21.78 8.69 23.20
C VAL A 106 -22.57 8.08 24.35
N SER A 107 -23.33 8.89 25.08
CA SER A 107 -24.14 8.34 26.16
C SER A 107 -25.24 7.43 25.63
N PHE A 108 -25.79 7.76 24.45
CA PHE A 108 -26.81 6.90 23.87
C PHE A 108 -26.24 5.54 23.49
N LEU A 109 -24.95 5.50 23.14
CA LEU A 109 -24.34 4.21 22.82
C LEU A 109 -24.54 3.20 23.95
N GLY A 110 -24.68 3.66 25.19
CA GLY A 110 -24.79 2.78 26.33
C GLY A 110 -26.19 2.43 26.77
N LYS A 111 -27.21 2.85 26.00
CA LYS A 111 -28.60 2.58 26.36
C LYS A 111 -28.99 1.22 25.79
N THR A 112 -28.53 0.17 26.46
CA THR A 112 -28.80 -1.19 26.00
C THR A 112 -30.29 -1.46 25.91
N ASP A 113 -31.10 -0.76 26.71
CA ASP A 113 -32.54 -1.00 26.71
C ASP A 113 -33.22 -0.43 25.48
N CYS A 114 -32.61 0.55 24.81
CA CYS A 114 -33.16 1.14 23.59
C CYS A 114 -32.17 0.86 22.45
N SER A 115 -32.31 -0.32 21.87
CA SER A 115 -31.44 -0.72 20.77
C SER A 115 -31.44 0.27 19.61
N PRO A 116 -32.59 0.82 19.18
CA PRO A 116 -32.57 1.73 18.03
C PRO A 116 -31.72 2.97 18.23
N ILE A 117 -31.73 3.56 19.44
CA ILE A 117 -30.96 4.78 19.62
C ILE A 117 -29.47 4.44 19.70
N GLN A 118 -29.12 3.27 20.22
CA GLN A 118 -27.75 2.79 20.09
C GLN A 118 -27.31 2.80 18.63
N PHE A 119 -28.13 2.18 17.77
CA PHE A 119 -27.76 2.10 16.36
C PHE A 119 -27.64 3.49 15.73
N GLU A 120 -28.63 4.35 15.95
CA GLU A 120 -28.63 5.67 15.31
C GLU A 120 -27.46 6.53 15.79
N SER A 121 -27.19 6.54 17.09
CA SER A 121 -26.08 7.34 17.57
C SER A 121 -24.75 6.76 17.11
N ALA A 122 -24.65 5.43 17.03
CA ALA A 122 -23.45 4.81 16.49
C ALA A 122 -23.21 5.24 15.05
N TRP A 123 -24.25 5.24 14.24
CA TRP A 123 -24.12 5.65 12.84
C TRP A 123 -23.72 7.13 12.74
N ALA A 124 -24.37 7.98 13.53
CA ALA A 124 -24.04 9.40 13.50
C ALA A 124 -22.57 9.63 13.90
N LEU A 125 -22.12 8.95 14.94
CA LEU A 125 -20.74 9.11 15.38
C LEU A 125 -19.76 8.54 14.36
N THR A 126 -20.12 7.41 13.74
CA THR A 126 -19.33 6.88 12.64
C THR A 126 -19.08 7.95 11.58
N ASN A 127 -20.15 8.67 11.21
CA ASN A 127 -20.01 9.65 10.15
C ASN A 127 -19.26 10.89 10.61
N ILE A 128 -19.36 11.27 11.88
CA ILE A 128 -18.52 12.35 12.37
C ILE A 128 -17.05 11.94 12.34
N ALA A 129 -16.75 10.72 12.79
CA ALA A 129 -15.38 10.22 12.79
C ALA A 129 -14.82 10.00 11.40
N SER A 130 -15.67 9.99 10.37
CA SER A 130 -15.19 9.82 9.00
C SER A 130 -14.54 11.08 8.44
N GLY A 131 -14.65 12.21 9.14
CA GLY A 131 -14.16 13.46 8.61
C GLY A 131 -12.70 13.72 8.93
N THR A 132 -12.37 14.99 9.18
CA THR A 132 -11.00 15.41 9.41
C THR A 132 -10.45 14.82 10.71
N SER A 133 -9.15 15.05 10.93
CA SER A 133 -8.53 14.64 12.18
C SER A 133 -9.16 15.33 13.38
N GLU A 134 -9.50 16.62 13.24
CA GLU A 134 -10.14 17.32 14.34
C GLU A 134 -11.50 16.73 14.68
N GLN A 135 -12.27 16.35 13.67
CA GLN A 135 -13.60 15.81 13.91
C GLN A 135 -13.52 14.42 14.53
N THR A 136 -12.62 13.58 14.02
CA THR A 136 -12.37 12.29 14.64
C THR A 136 -11.91 12.47 16.09
N LYS A 137 -11.04 13.45 16.32
CA LYS A 137 -10.58 13.75 17.67
C LYS A 137 -11.76 14.12 18.56
N ALA A 138 -12.71 14.88 18.04
CA ALA A 138 -13.89 15.23 18.83
C ALA A 138 -14.66 13.97 19.23
N VAL A 139 -14.76 13.01 18.31
CA VAL A 139 -15.43 11.76 18.67
C VAL A 139 -14.66 11.02 19.75
N VAL A 140 -13.34 10.97 19.65
CA VAL A 140 -12.54 10.24 20.63
C VAL A 140 -12.59 10.93 21.99
N ASP A 141 -12.57 12.26 22.00
CA ASP A 141 -12.56 13.01 23.25
C ASP A 141 -13.88 12.89 23.99
N GLY A 142 -14.94 12.46 23.31
CA GLY A 142 -16.21 12.19 23.95
C GLY A 142 -16.33 10.84 24.64
N GLY A 143 -15.26 10.06 24.66
CA GLY A 143 -15.29 8.74 25.29
C GLY A 143 -15.80 7.63 24.41
N ALA A 144 -15.78 7.81 23.08
CA ALA A 144 -16.49 6.89 22.20
C ALA A 144 -15.80 5.53 22.07
N ILE A 145 -14.48 5.47 22.26
CA ILE A 145 -13.74 4.25 21.99
C ILE A 145 -14.22 3.11 22.88
N PRO A 146 -14.19 3.23 24.21
CA PRO A 146 -14.67 2.13 25.04
C PRO A 146 -16.14 1.81 24.82
N ALA A 147 -16.95 2.82 24.50
CA ALA A 147 -18.37 2.57 24.26
C ALA A 147 -18.58 1.72 23.02
N PHE A 148 -17.86 2.04 21.94
CA PHE A 148 -17.95 1.23 20.73
C PHE A 148 -17.43 -0.19 20.97
N ILE A 149 -16.34 -0.30 21.74
CA ILE A 149 -15.81 -1.63 22.00
C ILE A 149 -16.83 -2.46 22.77
N SER A 150 -17.55 -1.83 23.69
CA SER A 150 -18.63 -2.55 24.38
C SER A 150 -19.72 -2.97 23.41
N LEU A 151 -20.03 -2.11 22.43
CA LEU A 151 -21.06 -2.47 21.46
C LEU A 151 -20.65 -3.66 20.60
N LEU A 152 -19.34 -3.87 20.41
CA LEU A 152 -18.93 -5.00 19.57
C LEU A 152 -19.58 -6.32 19.99
N ALA A 153 -19.90 -6.47 21.27
CA ALA A 153 -20.52 -7.68 21.78
C ALA A 153 -22.04 -7.64 21.76
N SER A 154 -22.64 -6.65 21.10
CA SER A 154 -24.08 -6.53 21.08
C SER A 154 -24.72 -7.75 20.39
N PRO A 155 -25.89 -8.17 20.85
CA PRO A 155 -26.60 -9.27 20.16
C PRO A 155 -27.22 -8.86 18.83
N HIS A 156 -27.27 -7.56 18.54
CA HIS A 156 -27.81 -7.07 17.28
C HIS A 156 -26.66 -6.88 16.30
N ALA A 157 -26.67 -7.65 15.21
CA ALA A 157 -25.53 -7.65 14.31
C ALA A 157 -25.33 -6.28 13.64
N HIS A 158 -26.42 -5.56 13.38
CA HIS A 158 -26.25 -4.26 12.73
C HIS A 158 -25.56 -3.26 13.65
N ILE A 159 -25.80 -3.39 14.96
CA ILE A 159 -25.17 -2.48 15.92
C ILE A 159 -23.68 -2.81 16.09
N SER A 160 -23.35 -4.10 16.21
CA SER A 160 -21.93 -4.47 16.29
C SER A 160 -21.20 -4.12 15.00
N GLU A 161 -21.85 -4.31 13.85
CA GLU A 161 -21.27 -3.90 12.58
C GLU A 161 -20.99 -2.40 12.59
N GLN A 162 -21.94 -1.61 13.08
CA GLN A 162 -21.73 -0.17 13.10
C GLN A 162 -20.57 0.20 14.02
N ALA A 163 -20.44 -0.50 15.15
CA ALA A 163 -19.29 -0.28 16.04
C ALA A 163 -17.98 -0.63 15.33
N VAL A 164 -17.97 -1.73 14.58
CA VAL A 164 -16.79 -2.09 13.79
C VAL A 164 -16.42 -0.95 12.86
N TRP A 165 -17.42 -0.41 12.16
CA TRP A 165 -17.18 0.69 11.22
C TRP A 165 -16.58 1.91 11.93
N ALA A 166 -17.17 2.27 13.06
CA ALA A 166 -16.71 3.44 13.80
C ALA A 166 -15.27 3.28 14.25
N LEU A 167 -14.96 2.13 14.85
CA LEU A 167 -13.58 1.86 15.26
C LEU A 167 -12.64 1.90 14.06
N GLY A 168 -13.11 1.45 12.90
CA GLY A 168 -12.29 1.52 11.71
C GLY A 168 -11.92 2.96 11.37
N ASN A 169 -12.89 3.86 11.39
CA ASN A 169 -12.60 5.27 11.09
C ASN A 169 -11.63 5.85 12.11
N ILE A 170 -11.91 5.63 13.39
CA ILE A 170 -11.05 6.15 14.45
C ILE A 170 -9.62 5.66 14.26
N ALA A 171 -9.44 4.36 14.06
CA ALA A 171 -8.10 3.82 13.84
C ALA A 171 -7.49 4.34 12.56
N GLY A 172 -8.31 4.61 11.55
CA GLY A 172 -7.82 5.10 10.28
C GLY A 172 -7.30 6.51 10.34
N ASP A 173 -7.60 7.26 11.42
CA ASP A 173 -7.02 8.59 11.53
C ASP A 173 -5.49 8.56 11.51
N GLY A 174 -4.87 7.61 12.20
CA GLY A 174 -3.43 7.58 12.26
C GLY A 174 -2.89 6.73 13.39
N SER A 175 -1.56 6.75 13.52
CA SER A 175 -0.87 5.85 14.43
C SER A 175 -1.37 5.99 15.86
N ALA A 176 -1.56 7.22 16.34
CA ALA A 176 -1.87 7.42 17.75
C ALA A 176 -3.24 6.86 18.09
N PHE A 177 -4.28 7.22 17.32
CA PHE A 177 -5.60 6.68 17.60
C PHE A 177 -5.66 5.18 17.32
N ARG A 178 -4.91 4.69 16.33
CA ARG A 178 -4.81 3.25 16.11
C ARG A 178 -4.34 2.57 17.39
N ASP A 179 -3.22 3.04 17.94
CA ASP A 179 -2.68 2.44 19.15
C ASP A 179 -3.60 2.63 20.33
N LEU A 180 -4.39 3.72 20.34
CA LEU A 180 -5.32 3.93 21.44
C LEU A 180 -6.49 2.96 21.38
N VAL A 181 -7.00 2.71 20.17
CA VAL A 181 -8.00 1.67 20.00
C VAL A 181 -7.46 0.32 20.46
N ILE A 182 -6.21 0.03 20.11
CA ILE A 182 -5.62 -1.25 20.52
C ILE A 182 -5.49 -1.32 22.04
N LYS A 183 -5.13 -0.20 22.67
CA LYS A 183 -4.94 -0.20 24.12
C LYS A 183 -6.25 -0.42 24.86
N HIS A 184 -7.36 0.13 24.34
CA HIS A 184 -8.67 -0.11 24.93
C HIS A 184 -9.16 -1.54 24.73
N GLY A 185 -8.43 -2.37 23.97
CA GLY A 185 -8.76 -3.78 23.89
C GLY A 185 -9.71 -4.18 22.79
N ALA A 186 -9.65 -3.51 21.63
CA ALA A 186 -10.60 -3.80 20.56
C ALA A 186 -10.28 -5.12 19.84
N ILE A 187 -9.01 -5.54 19.85
CA ILE A 187 -8.61 -6.66 19.01
C ILE A 187 -9.30 -7.95 19.43
N ASP A 188 -9.36 -8.22 20.74
CA ASP A 188 -9.99 -9.46 21.19
C ASP A 188 -11.44 -9.56 20.72
N PRO A 189 -12.32 -8.61 21.02
CA PRO A 189 -13.71 -8.73 20.52
C PRO A 189 -13.82 -8.71 19.00
N LEU A 190 -12.99 -7.90 18.32
CA LEU A 190 -13.01 -7.92 16.86
C LEU A 190 -12.73 -9.33 16.33
N LEU A 191 -11.63 -9.93 16.78
CA LEU A 191 -11.29 -11.27 16.29
C LEU A 191 -12.33 -12.29 16.72
N ALA A 192 -12.92 -12.12 17.89
CA ALA A 192 -13.97 -13.02 18.32
C ALA A 192 -15.13 -13.00 17.33
N LEU A 193 -15.41 -11.84 16.74
CA LEU A 193 -16.48 -11.77 15.74
C LEU A 193 -16.21 -12.69 14.54
N LEU A 194 -14.94 -12.97 14.24
CA LEU A 194 -14.58 -13.77 13.07
C LEU A 194 -14.28 -15.22 13.42
N ALA A 195 -14.46 -15.63 14.67
CA ALA A 195 -14.13 -16.99 15.10
C ALA A 195 -15.31 -17.90 14.76
N VAL A 196 -15.42 -18.23 13.47
CA VAL A 196 -16.46 -19.13 12.99
C VAL A 196 -15.82 -20.19 12.11
N PRO A 197 -16.37 -21.40 12.04
CA PRO A 197 -15.74 -22.44 11.20
C PRO A 197 -15.62 -22.03 9.74
N ASP A 198 -16.62 -21.33 9.20
CA ASP A 198 -16.64 -20.96 7.79
C ASP A 198 -17.07 -19.51 7.67
N LEU A 199 -16.17 -18.67 7.17
CA LEU A 199 -16.47 -17.26 7.00
C LEU A 199 -17.67 -17.03 6.07
N SER A 200 -17.95 -17.98 5.18
CA SER A 200 -19.04 -17.81 4.23
C SER A 200 -20.41 -17.74 4.90
N THR A 201 -20.51 -18.10 6.19
CA THR A 201 -21.78 -17.99 6.88
C THR A 201 -22.06 -16.58 7.34
N LEU A 202 -21.04 -15.73 7.42
CA LEU A 202 -21.23 -14.35 7.84
C LEU A 202 -21.80 -13.53 6.70
N ALA A 203 -22.51 -12.46 7.07
CA ALA A 203 -23.06 -11.55 6.07
C ALA A 203 -21.93 -10.85 5.33
N CYS A 204 -22.10 -10.74 4.00
CA CYS A 204 -21.06 -10.17 3.16
C CYS A 204 -20.60 -8.81 3.67
N GLY A 205 -21.54 -7.91 3.93
CA GLY A 205 -21.16 -6.58 4.39
C GLY A 205 -20.50 -6.59 5.75
N TYR A 206 -20.99 -7.45 6.65
CA TYR A 206 -20.37 -7.58 7.97
C TYR A 206 -18.91 -7.98 7.84
N LEU A 207 -18.64 -9.00 7.04
CA LEU A 207 -17.27 -9.48 6.87
C LEU A 207 -16.40 -8.42 6.19
N ARG A 208 -16.96 -7.70 5.21
CA ARG A 208 -16.19 -6.67 4.54
C ARG A 208 -15.80 -5.55 5.51
N ASN A 209 -16.73 -5.13 6.35
CA ASN A 209 -16.41 -4.06 7.30
C ASN A 209 -15.39 -4.53 8.32
N LEU A 210 -15.53 -5.76 8.82
CA LEU A 210 -14.53 -6.30 9.74
C LEU A 210 -13.15 -6.31 9.09
N THR A 211 -13.07 -6.76 7.83
CA THR A 211 -11.78 -6.84 7.17
C THR A 211 -11.17 -5.46 6.98
N TRP A 212 -11.98 -4.48 6.58
CA TRP A 212 -11.46 -3.13 6.39
C TRP A 212 -10.94 -2.55 7.70
N THR A 213 -11.68 -2.75 8.80
CA THR A 213 -11.24 -2.23 10.08
C THR A 213 -9.94 -2.89 10.52
N LEU A 214 -9.84 -4.22 10.36
CA LEU A 214 -8.59 -4.89 10.68
C LEU A 214 -7.45 -4.33 9.86
N SER A 215 -7.69 -4.06 8.58
CA SER A 215 -6.64 -3.49 7.74
C SER A 215 -6.20 -2.14 8.29
N ASN A 216 -7.14 -1.35 8.80
CA ASN A 216 -6.76 -0.07 9.40
C ASN A 216 -5.95 -0.25 10.68
N LEU A 217 -6.17 -1.34 11.42
CA LEU A 217 -5.33 -1.59 12.58
C LEU A 217 -3.91 -1.99 12.20
N CYS A 218 -3.69 -2.46 10.97
CA CYS A 218 -2.36 -2.77 10.48
C CYS A 218 -1.69 -1.59 9.80
N ARG A 219 -2.42 -0.50 9.61
CA ARG A 219 -2.00 0.61 8.77
C ARG A 219 -1.15 1.61 9.54
N ASN A 220 -0.39 2.40 8.78
CA ASN A 220 0.39 3.54 9.25
C ASN A 220 1.69 3.14 9.94
N LYS A 221 2.65 4.06 9.94
CA LYS A 221 3.99 3.85 10.46
C LYS A 221 4.34 5.02 11.38
N ASN A 222 5.58 5.01 11.88
CA ASN A 222 6.07 6.04 12.79
C ASN A 222 5.06 6.27 13.93
N PRO A 223 4.84 5.25 14.78
CA PRO A 223 5.41 3.89 14.72
C PRO A 223 4.51 2.92 13.98
N ALA A 224 5.03 1.75 13.63
CA ALA A 224 4.20 0.68 13.09
C ALA A 224 3.35 0.13 14.22
N PRO A 225 2.35 -0.71 13.92
CA PRO A 225 1.48 -1.22 14.97
C PRO A 225 2.28 -2.08 15.94
N PRO A 226 1.81 -2.20 17.18
CA PRO A 226 2.53 -3.03 18.16
C PRO A 226 2.75 -4.44 17.62
N LEU A 227 3.98 -4.94 17.77
CA LEU A 227 4.32 -6.25 17.24
C LEU A 227 3.41 -7.33 17.81
N ASP A 228 3.10 -7.25 19.11
CA ASP A 228 2.21 -8.23 19.73
C ASP A 228 0.83 -8.21 19.09
N ALA A 229 0.31 -7.02 18.78
CA ALA A 229 -0.99 -6.92 18.13
C ALA A 229 -0.95 -7.49 16.72
N VAL A 230 0.15 -7.29 16.00
CA VAL A 230 0.29 -7.87 14.67
C VAL A 230 0.29 -9.39 14.76
N GLU A 231 1.01 -9.94 15.74
CA GLU A 231 1.02 -11.38 15.93
C GLU A 231 -0.39 -11.89 16.22
N GLN A 232 -1.14 -11.14 17.02
CA GLN A 232 -2.51 -11.54 17.35
C GLN A 232 -3.44 -11.48 16.13
N ILE A 233 -3.19 -10.55 15.21
CA ILE A 233 -4.09 -10.36 14.08
C ILE A 233 -3.75 -11.24 12.87
N LEU A 234 -2.48 -11.62 12.70
CA LEU A 234 -2.08 -12.24 11.44
C LEU A 234 -2.85 -13.51 11.09
N PRO A 235 -3.08 -14.45 12.01
CA PRO A 235 -3.80 -15.67 11.61
C PRO A 235 -5.14 -15.39 10.95
N THR A 236 -5.92 -14.49 11.54
CA THR A 236 -7.19 -14.11 10.95
C THR A 236 -6.98 -13.46 9.59
N LEU A 237 -5.91 -12.67 9.45
CA LEU A 237 -5.63 -12.07 8.14
C LEU A 237 -5.38 -13.13 7.09
N VAL A 238 -4.59 -14.15 7.42
CA VAL A 238 -4.33 -15.23 6.47
C VAL A 238 -5.64 -15.88 6.07
N ARG A 239 -6.51 -16.15 7.06
CA ARG A 239 -7.79 -16.77 6.76
C ARG A 239 -8.60 -15.90 5.80
N LEU A 240 -8.65 -14.60 6.06
CA LEU A 240 -9.38 -13.70 5.17
C LEU A 240 -8.72 -13.63 3.79
N LEU A 241 -7.40 -13.76 3.75
CA LEU A 241 -6.67 -13.76 2.49
C LEU A 241 -7.03 -14.95 1.64
N HIS A 242 -7.57 -16.01 2.24
CA HIS A 242 -8.05 -17.15 1.46
C HIS A 242 -9.56 -17.14 1.21
N HIS A 243 -10.24 -16.03 1.49
CA HIS A 243 -11.69 -15.94 1.27
C HIS A 243 -11.99 -15.60 -0.19
N ASN A 244 -13.22 -15.92 -0.62
CA ASN A 244 -13.59 -15.85 -2.02
C ASN A 244 -14.26 -14.53 -2.41
N ASP A 245 -14.33 -13.56 -1.51
CA ASP A 245 -14.97 -12.30 -1.84
C ASP A 245 -13.93 -11.28 -2.30
N PRO A 246 -14.10 -10.65 -3.47
CA PRO A 246 -13.04 -9.75 -3.96
C PRO A 246 -12.72 -8.60 -3.02
N GLU A 247 -13.72 -8.01 -2.36
CA GLU A 247 -13.44 -6.88 -1.49
C GLU A 247 -12.68 -7.32 -0.24
N VAL A 248 -13.06 -8.46 0.34
CA VAL A 248 -12.30 -9.00 1.45
C VAL A 248 -10.85 -9.26 1.03
N LEU A 249 -10.67 -9.83 -0.17
CA LEU A 249 -9.32 -10.11 -0.65
C LEU A 249 -8.52 -8.82 -0.82
N ALA A 250 -9.15 -7.79 -1.39
CA ALA A 250 -8.45 -6.52 -1.59
C ALA A 250 -8.00 -5.94 -0.25
N ASP A 251 -8.91 -5.90 0.73
CA ASP A 251 -8.55 -5.30 2.01
C ASP A 251 -7.52 -6.14 2.76
N SER A 252 -7.59 -7.47 2.64
CA SER A 252 -6.57 -8.31 3.25
C SER A 252 -5.21 -8.07 2.62
N CYS A 253 -5.16 -7.94 1.29
CA CYS A 253 -3.89 -7.66 0.64
C CYS A 253 -3.34 -6.31 1.07
N TRP A 254 -4.23 -5.32 1.23
CA TRP A 254 -3.78 -4.02 1.74
C TRP A 254 -3.18 -4.17 3.14
N ALA A 255 -3.85 -4.91 4.01
CA ALA A 255 -3.31 -5.13 5.35
C ALA A 255 -1.92 -5.76 5.28
N ILE A 256 -1.76 -6.78 4.43
CA ILE A 256 -0.46 -7.43 4.33
C ILE A 256 0.58 -6.47 3.79
N SER A 257 0.18 -5.62 2.83
CA SER A 257 1.13 -4.65 2.28
C SER A 257 1.57 -3.65 3.34
N TYR A 258 0.65 -3.25 4.22
CA TYR A 258 1.04 -2.38 5.33
C TYR A 258 2.04 -3.07 6.23
N LEU A 259 1.77 -4.33 6.59
CA LEU A 259 2.64 -5.01 7.55
C LEU A 259 4.02 -5.30 6.96
N THR A 260 4.12 -5.46 5.64
CA THR A 260 5.40 -5.78 5.01
C THR A 260 6.22 -4.54 4.66
N ASP A 261 5.71 -3.34 4.93
CA ASP A 261 6.44 -2.09 4.66
C ASP A 261 7.15 -1.69 5.95
N GLY A 262 8.40 -2.10 6.07
CA GLY A 262 9.19 -1.78 7.25
C GLY A 262 10.47 -2.60 7.31
N PRO A 263 11.02 -2.75 8.51
CA PRO A 263 12.24 -3.56 8.65
C PRO A 263 11.99 -5.01 8.30
N ASN A 264 13.09 -5.73 8.06
CA ASN A 264 12.99 -7.12 7.62
C ASN A 264 12.36 -8.02 8.67
N GLU A 265 12.37 -7.62 9.95
CA GLU A 265 11.76 -8.44 10.98
C GLU A 265 10.24 -8.50 10.80
N ARG A 266 9.63 -7.38 10.40
CA ARG A 266 8.20 -7.36 10.12
C ARG A 266 7.87 -8.26 8.92
N ILE A 267 8.61 -8.07 7.83
CA ILE A 267 8.45 -8.93 6.68
C ILE A 267 8.53 -10.39 7.10
N GLU A 268 9.48 -10.71 7.98
CA GLU A 268 9.64 -12.08 8.44
C GLU A 268 8.39 -12.56 9.17
N MET A 269 7.83 -11.73 10.05
CA MET A 269 6.58 -12.11 10.71
C MET A 269 5.55 -12.55 9.68
N VAL A 270 5.39 -11.74 8.63
CA VAL A 270 4.34 -12.04 7.64
C VAL A 270 4.69 -13.31 6.86
N VAL A 271 5.92 -13.36 6.34
CA VAL A 271 6.35 -14.46 5.48
C VAL A 271 6.31 -15.78 6.22
N LYS A 272 6.56 -15.77 7.54
CA LYS A 272 6.55 -17.02 8.30
C LYS A 272 5.16 -17.65 8.33
N LYS A 273 4.11 -16.85 8.16
CA LYS A 273 2.75 -17.38 8.10
C LYS A 273 2.43 -18.05 6.76
N GLY A 274 3.37 -18.07 5.82
CA GLY A 274 3.18 -18.79 4.58
C GLY A 274 2.21 -18.17 3.59
N VAL A 275 2.00 -16.85 3.64
CA VAL A 275 1.04 -16.20 2.75
C VAL A 275 1.59 -15.90 1.36
N VAL A 276 2.89 -16.10 1.13
CA VAL A 276 3.49 -15.68 -0.14
C VAL A 276 2.84 -16.39 -1.33
N PRO A 277 2.66 -17.71 -1.33
CA PRO A 277 1.99 -18.34 -2.48
C PRO A 277 0.61 -17.77 -2.78
N GLN A 278 -0.18 -17.51 -1.74
CA GLN A 278 -1.49 -16.91 -1.95
C GLN A 278 -1.37 -15.51 -2.52
N LEU A 279 -0.36 -14.75 -2.07
CA LEU A 279 -0.15 -13.42 -2.64
C LEU A 279 0.16 -13.51 -4.12
N VAL A 280 0.97 -14.48 -4.52
CA VAL A 280 1.30 -14.64 -5.95
C VAL A 280 0.04 -14.97 -6.74
N LYS A 281 -0.72 -15.96 -6.26
CA LYS A 281 -2.00 -16.27 -6.89
C LYS A 281 -2.84 -15.01 -7.09
N LEU A 282 -2.98 -14.20 -6.04
CA LEU A 282 -3.77 -12.97 -6.16
C LEU A 282 -3.10 -11.97 -7.08
N LEU A 283 -1.77 -12.04 -7.19
CA LEU A 283 -1.05 -11.22 -8.14
C LEU A 283 -1.56 -11.48 -9.55
N GLY A 284 -2.04 -12.69 -9.80
CA GLY A 284 -2.62 -12.97 -11.10
C GLY A 284 -4.13 -12.79 -11.23
N ALA A 285 -4.76 -11.94 -10.42
CA ALA A 285 -6.21 -11.79 -10.48
C ALA A 285 -6.62 -10.84 -11.62
N THR A 286 -7.89 -10.94 -12.03
CA THR A 286 -8.42 -10.03 -13.03
C THR A 286 -8.80 -8.68 -12.42
N GLU A 287 -9.14 -8.66 -11.12
CA GLU A 287 -9.56 -7.44 -10.44
C GLU A 287 -8.32 -6.59 -10.13
N LEU A 288 -8.21 -5.44 -10.79
CA LEU A 288 -7.16 -4.48 -10.45
C LEU A 288 -7.14 -4.11 -8.97
N PRO A 289 -8.28 -3.92 -8.30
CA PRO A 289 -8.24 -3.60 -6.85
C PRO A 289 -7.59 -4.68 -6.01
N ILE A 290 -7.46 -5.90 -6.54
CA ILE A 290 -6.76 -6.95 -5.84
C ILE A 290 -5.29 -7.00 -6.25
N VAL A 291 -5.02 -6.85 -7.54
CA VAL A 291 -3.64 -6.92 -8.02
C VAL A 291 -2.80 -5.82 -7.40
N THR A 292 -3.34 -4.60 -7.33
CA THR A 292 -2.56 -3.48 -6.82
C THR A 292 -2.00 -3.76 -5.41
N PRO A 293 -2.83 -4.07 -4.41
CA PRO A 293 -2.25 -4.36 -3.08
C PRO A 293 -1.41 -5.62 -3.05
N ALA A 294 -1.76 -6.66 -3.82
CA ALA A 294 -0.92 -7.85 -3.86
C ALA A 294 0.46 -7.53 -4.38
N LEU A 295 0.55 -6.73 -5.44
CA LEU A 295 1.85 -6.36 -5.99
C LEU A 295 2.62 -5.49 -5.01
N ARG A 296 1.93 -4.57 -4.32
CA ARG A 296 2.59 -3.78 -3.29
C ARG A 296 3.21 -4.69 -2.23
N ALA A 297 2.46 -5.71 -1.79
CA ALA A 297 2.97 -6.61 -0.76
C ALA A 297 4.19 -7.38 -1.27
N ILE A 298 4.11 -7.92 -2.50
CA ILE A 298 5.22 -8.67 -3.05
C ILE A 298 6.47 -7.80 -3.15
N GLY A 299 6.31 -6.55 -3.59
CA GLY A 299 7.45 -5.64 -3.65
C GLY A 299 8.05 -5.39 -2.28
N ASN A 300 7.21 -5.05 -1.30
CA ASN A 300 7.71 -4.88 0.05
C ASN A 300 8.52 -6.09 0.48
N ILE A 301 8.01 -7.29 0.22
CA ILE A 301 8.69 -8.50 0.66
C ILE A 301 10.07 -8.59 0.02
N VAL A 302 10.16 -8.29 -1.29
CA VAL A 302 11.46 -8.40 -1.95
C VAL A 302 12.40 -7.25 -1.60
N THR A 303 11.95 -6.27 -0.80
CA THR A 303 12.91 -5.33 -0.24
C THR A 303 13.72 -5.92 0.92
N GLY A 304 13.41 -7.13 1.36
CA GLY A 304 14.06 -7.73 2.52
C GLY A 304 15.26 -8.59 2.16
N THR A 305 15.52 -9.59 3.01
CA THR A 305 16.69 -10.43 2.83
C THR A 305 16.57 -11.25 1.55
N ASP A 306 17.68 -11.88 1.16
CA ASP A 306 17.68 -12.70 -0.04
C ASP A 306 16.83 -13.95 0.12
N GLU A 307 16.76 -14.51 1.33
CA GLU A 307 15.92 -15.69 1.53
C GLU A 307 14.44 -15.35 1.45
N GLN A 308 14.05 -14.20 2.01
CA GLN A 308 12.67 -13.74 1.86
C GLN A 308 12.32 -13.51 0.39
N THR A 309 13.24 -12.89 -0.36
CA THR A 309 13.04 -12.72 -1.79
C THR A 309 12.91 -14.07 -2.50
N GLN A 310 13.73 -15.03 -2.10
CA GLN A 310 13.68 -16.35 -2.73
C GLN A 310 12.35 -17.01 -2.49
N LYS A 311 11.70 -16.72 -1.36
CA LYS A 311 10.36 -17.27 -1.16
C LYS A 311 9.38 -16.75 -2.20
N VAL A 312 9.53 -15.49 -2.60
CA VAL A 312 8.68 -14.93 -3.65
C VAL A 312 8.99 -15.59 -4.99
N ILE A 313 10.28 -15.79 -5.27
CA ILE A 313 10.66 -16.39 -6.54
C ILE A 313 10.16 -17.84 -6.61
N ASP A 314 10.35 -18.60 -5.54
CA ASP A 314 9.94 -20.00 -5.51
C ASP A 314 8.43 -20.15 -5.61
N ALA A 315 7.68 -19.14 -5.16
CA ALA A 315 6.23 -19.19 -5.29
C ALA A 315 5.76 -18.95 -6.72
N GLY A 316 6.66 -18.61 -7.64
CA GLY A 316 6.32 -18.43 -9.03
C GLY A 316 6.01 -17.01 -9.46
N ALA A 317 6.34 -16.01 -8.64
CA ALA A 317 5.94 -14.64 -8.94
C ALA A 317 6.46 -14.18 -10.29
N LEU A 318 7.66 -14.61 -10.68
CA LEU A 318 8.27 -14.11 -11.90
C LEU A 318 7.43 -14.44 -13.13
N ALA A 319 6.76 -15.60 -13.11
CA ALA A 319 5.91 -15.97 -14.25
C ALA A 319 4.80 -14.96 -14.50
N VAL A 320 4.41 -14.19 -13.47
CA VAL A 320 3.34 -13.21 -13.64
C VAL A 320 3.85 -11.89 -14.20
N PHE A 321 5.16 -11.69 -14.24
CA PHE A 321 5.65 -10.34 -14.51
C PHE A 321 5.61 -9.91 -15.97
N PRO A 322 5.59 -10.83 -16.94
CA PRO A 322 5.36 -10.38 -18.33
C PRO A 322 4.09 -9.56 -18.47
N SER A 323 3.01 -9.97 -17.80
CA SER A 323 1.79 -9.17 -17.79
C SER A 323 2.02 -7.85 -17.04
N LEU A 324 2.57 -7.94 -15.82
CA LEU A 324 2.69 -6.77 -14.98
C LEU A 324 3.57 -5.70 -15.63
N LEU A 325 4.65 -6.11 -16.28
CA LEU A 325 5.55 -5.15 -16.91
C LEU A 325 4.97 -4.58 -18.20
N THR A 326 3.88 -5.14 -18.73
CA THR A 326 3.17 -4.54 -19.84
C THR A 326 1.75 -4.13 -19.44
N ASN A 327 1.46 -4.08 -18.15
CA ASN A 327 0.10 -3.83 -17.71
C ASN A 327 -0.32 -2.43 -18.15
N PRO A 328 -1.57 -2.25 -18.61
CA PRO A 328 -1.99 -0.93 -19.10
C PRO A 328 -2.17 0.11 -18.01
N LYS A 329 -2.18 -0.27 -16.74
CA LYS A 329 -2.21 0.69 -15.65
C LYS A 329 -0.78 1.12 -15.31
N THR A 330 -0.50 2.41 -15.45
CA THR A 330 0.84 2.93 -15.21
C THR A 330 1.37 2.54 -13.83
N ASN A 331 0.51 2.63 -12.81
N ASN A 331 0.52 2.63 -12.80
CA ASN A 331 0.93 2.32 -11.45
CA ASN A 331 1.00 2.33 -11.46
C ASN A 331 1.41 0.87 -11.33
C ASN A 331 1.42 0.87 -11.32
N ILE A 332 0.73 -0.05 -12.02
CA ILE A 332 1.14 -1.45 -11.99
C ILE A 332 2.53 -1.61 -12.60
N GLN A 333 2.74 -1.01 -13.78
CA GLN A 333 4.06 -1.11 -14.41
C GLN A 333 5.14 -0.53 -13.50
N LYS A 334 4.87 0.60 -12.87
CA LYS A 334 5.85 1.22 -11.99
C LYS A 334 6.18 0.31 -10.81
N GLU A 335 5.15 -0.19 -10.11
CA GLU A 335 5.39 -1.07 -8.97
C GLU A 335 6.09 -2.34 -9.39
N ALA A 336 5.71 -2.91 -10.53
CA ALA A 336 6.32 -4.15 -11.01
C ALA A 336 7.79 -3.94 -11.34
N THR A 337 8.12 -2.81 -11.97
CA THR A 337 9.52 -2.54 -12.29
C THR A 337 10.34 -2.26 -11.04
N TRP A 338 9.75 -1.60 -10.04
CA TRP A 338 10.43 -1.42 -8.76
C TRP A 338 10.71 -2.77 -8.10
N THR A 339 9.72 -3.66 -8.09
CA THR A 339 9.93 -5.02 -7.60
C THR A 339 11.05 -5.71 -8.36
N MET A 340 11.07 -5.56 -9.69
CA MET A 340 12.15 -6.12 -10.49
C MET A 340 13.50 -5.57 -10.06
N SER A 341 13.59 -4.25 -9.84
CA SER A 341 14.86 -3.66 -9.44
C SER A 341 15.35 -4.24 -8.13
N ASN A 342 14.43 -4.52 -7.20
CA ASN A 342 14.86 -5.13 -5.96
C ASN A 342 15.20 -6.61 -6.09
N ILE A 343 14.65 -7.29 -7.10
CA ILE A 343 15.08 -8.67 -7.33
C ILE A 343 16.45 -8.71 -7.99
N THR A 344 16.71 -7.81 -8.94
CA THR A 344 18.02 -7.75 -9.58
C THR A 344 19.09 -7.19 -8.66
N ALA A 345 18.71 -6.75 -7.46
CA ALA A 345 19.67 -6.40 -6.41
C ALA A 345 20.00 -7.59 -5.53
N GLY A 346 19.53 -8.78 -5.87
CA GLY A 346 19.76 -9.97 -5.09
C GLY A 346 20.95 -10.78 -5.57
N ARG A 347 20.96 -12.06 -5.19
CA ARG A 347 22.06 -12.94 -5.54
C ARG A 347 22.14 -13.13 -7.06
N GLN A 348 23.27 -13.69 -7.49
CA GLN A 348 23.44 -13.97 -8.91
C GLN A 348 22.50 -15.07 -9.39
N ASP A 349 22.18 -16.05 -8.53
CA ASP A 349 21.19 -17.05 -8.92
C ASP A 349 19.81 -16.44 -9.07
N GLN A 350 19.50 -15.38 -8.31
CA GLN A 350 18.21 -14.71 -8.47
C GLN A 350 18.17 -13.87 -9.74
N ILE A 351 19.24 -13.15 -10.03
CA ILE A 351 19.37 -12.51 -11.34
C ILE A 351 19.20 -13.54 -12.44
N GLN A 352 19.79 -14.72 -12.25
CA GLN A 352 19.71 -15.76 -13.27
C GLN A 352 18.27 -16.21 -13.45
N GLN A 353 17.54 -16.37 -12.36
N GLN A 353 17.53 -16.34 -12.36
CA GLN A 353 16.12 -16.72 -12.49
CA GLN A 353 16.12 -16.72 -12.49
C GLN A 353 15.39 -15.65 -13.28
C GLN A 353 15.32 -15.64 -13.21
N VAL A 354 15.69 -14.38 -13.03
CA VAL A 354 15.09 -13.30 -13.83
C VAL A 354 15.37 -13.55 -15.31
N VAL A 355 16.62 -13.89 -15.63
CA VAL A 355 16.98 -14.17 -17.02
C VAL A 355 16.16 -15.34 -17.55
N ASN A 356 16.08 -16.42 -16.78
CA ASN A 356 15.43 -17.64 -17.26
C ASN A 356 13.97 -17.43 -17.59
N HIS A 357 13.29 -16.56 -16.86
CA HIS A 357 11.89 -16.26 -17.13
C HIS A 357 11.70 -15.29 -18.30
N GLY A 358 12.78 -14.95 -19.01
CA GLY A 358 12.67 -14.06 -20.14
C GLY A 358 12.23 -12.66 -19.81
N LEU A 359 12.54 -12.18 -18.59
CA LEU A 359 12.10 -10.86 -18.17
C LEU A 359 13.03 -9.74 -18.62
N VAL A 360 14.25 -10.05 -19.07
CA VAL A 360 15.18 -8.99 -19.49
C VAL A 360 14.64 -8.24 -20.69
N PRO A 361 14.12 -8.90 -21.75
CA PRO A 361 13.51 -8.14 -22.84
C PRO A 361 12.37 -7.25 -22.38
N PHE A 362 11.63 -7.65 -21.34
CA PHE A 362 10.57 -6.78 -20.84
C PHE A 362 11.14 -5.55 -20.15
N LEU A 363 12.28 -5.69 -19.47
CA LEU A 363 12.94 -4.52 -18.92
C LEU A 363 13.44 -3.60 -20.03
N VAL A 364 14.01 -4.20 -21.09
CA VAL A 364 14.41 -3.40 -22.25
C VAL A 364 13.21 -2.64 -22.80
N GLY A 365 12.07 -3.31 -22.92
CA GLY A 365 10.87 -2.64 -23.40
C GLY A 365 10.45 -1.49 -22.52
N VAL A 366 10.36 -1.73 -21.21
CA VAL A 366 9.96 -0.67 -20.29
C VAL A 366 10.92 0.51 -20.38
N LEU A 367 12.22 0.22 -20.44
CA LEU A 367 13.20 1.28 -20.59
C LEU A 367 13.03 2.04 -21.90
N SER A 368 12.58 1.35 -22.95
CA SER A 368 12.42 1.99 -24.25
C SER A 368 11.22 2.91 -24.29
N LYS A 369 10.08 2.47 -23.73
CA LYS A 369 8.83 3.20 -23.85
C LYS A 369 8.00 2.95 -22.60
N ALA A 370 7.76 4.00 -21.81
CA ALA A 370 6.92 3.92 -20.63
C ALA A 370 6.89 5.29 -19.98
N ASP A 371 6.01 5.43 -18.99
CA ASP A 371 6.01 6.62 -18.14
C ASP A 371 7.40 6.82 -17.54
N PHE A 372 7.79 8.08 -17.37
CA PHE A 372 9.17 8.36 -16.97
C PHE A 372 9.51 7.74 -15.63
N LYS A 373 8.57 7.76 -14.67
CA LYS A 373 8.85 7.17 -13.36
C LYS A 373 9.12 5.67 -13.48
N THR A 374 8.34 4.98 -14.32
CA THR A 374 8.62 3.59 -14.62
C THR A 374 10.00 3.42 -15.23
N GLN A 375 10.38 4.33 -16.14
CA GLN A 375 11.70 4.24 -16.76
C GLN A 375 12.80 4.44 -15.72
N LYS A 376 12.57 5.30 -14.73
CA LYS A 376 13.53 5.51 -13.66
C LYS A 376 13.72 4.23 -12.85
N GLU A 377 12.61 3.59 -12.49
CA GLU A 377 12.73 2.30 -11.80
C GLU A 377 13.44 1.26 -12.67
N ALA A 378 13.22 1.30 -13.99
CA ALA A 378 13.88 0.35 -14.88
C ALA A 378 15.38 0.60 -14.92
N ALA A 379 15.77 1.87 -14.93
CA ALA A 379 17.19 2.22 -14.86
C ALA A 379 17.81 1.68 -13.58
N TRP A 380 17.11 1.82 -12.45
CA TRP A 380 17.59 1.20 -11.21
C TRP A 380 17.74 -0.30 -11.38
N ALA A 381 16.76 -0.95 -12.01
CA ALA A 381 16.85 -2.40 -12.20
C ALA A 381 18.10 -2.75 -12.99
N ILE A 382 18.41 -1.98 -14.03
CA ILE A 382 19.59 -2.26 -14.84
C ILE A 382 20.87 -2.04 -14.05
N THR A 383 20.94 -0.95 -13.28
CA THR A 383 22.15 -0.68 -12.51
C THR A 383 22.39 -1.76 -11.46
N ASN A 384 21.34 -2.18 -10.74
CA ASN A 384 21.49 -3.26 -9.78
C ASN A 384 21.96 -4.53 -10.49
N TYR A 385 21.30 -4.88 -11.59
CA TYR A 385 21.68 -6.04 -12.39
C TYR A 385 23.16 -6.01 -12.73
N THR A 386 23.63 -4.88 -13.27
CA THR A 386 25.01 -4.80 -13.75
C THR A 386 26.00 -4.79 -12.58
N SER A 387 25.59 -4.28 -11.42
CA SER A 387 26.52 -4.27 -10.29
C SER A 387 26.67 -5.67 -9.68
N GLY A 388 25.59 -6.45 -9.65
CA GLY A 388 25.66 -7.75 -9.00
C GLY A 388 25.84 -8.94 -9.93
N GLY A 389 25.56 -8.75 -11.23
CA GLY A 389 25.55 -9.86 -12.14
C GLY A 389 26.94 -10.32 -12.57
N THR A 390 26.96 -11.51 -13.18
CA THR A 390 28.17 -12.04 -13.78
C THR A 390 28.41 -11.36 -15.13
N VAL A 391 29.64 -11.52 -15.63
CA VAL A 391 29.93 -11.00 -16.96
C VAL A 391 29.01 -11.63 -17.99
N GLU A 392 28.74 -12.93 -17.88
CA GLU A 392 27.86 -13.57 -18.84
C GLU A 392 26.48 -12.94 -18.82
N GLN A 393 25.94 -12.67 -17.64
CA GLN A 393 24.61 -12.06 -17.54
C GLN A 393 24.61 -10.64 -18.08
N ILE A 394 25.70 -9.89 -17.86
CA ILE A 394 25.79 -8.53 -18.37
C ILE A 394 25.90 -8.54 -19.89
N VAL A 395 26.68 -9.47 -20.44
CA VAL A 395 26.75 -9.61 -21.89
C VAL A 395 25.38 -9.94 -22.46
N TYR A 396 24.67 -10.87 -21.82
CA TYR A 396 23.32 -11.18 -22.26
C TYR A 396 22.45 -9.93 -22.28
N LEU A 397 22.52 -9.14 -21.21
CA LEU A 397 21.80 -7.88 -21.16
C LEU A 397 22.10 -7.03 -22.39
N VAL A 398 23.39 -6.91 -22.75
CA VAL A 398 23.73 -6.10 -23.91
C VAL A 398 23.15 -6.70 -25.19
N HIS A 399 23.16 -8.04 -25.30
CA HIS A 399 22.63 -8.71 -26.49
C HIS A 399 21.11 -8.52 -26.61
N CYS A 400 20.41 -8.19 -25.53
CA CYS A 400 18.99 -7.91 -25.59
C CYS A 400 18.68 -6.49 -26.03
N GLY A 401 19.69 -5.64 -26.23
CA GLY A 401 19.47 -4.31 -26.76
C GLY A 401 19.25 -3.24 -25.70
N ILE A 402 19.99 -3.33 -24.60
CA ILE A 402 19.83 -2.37 -23.51
C ILE A 402 20.46 -1.02 -23.85
N ILE A 403 21.52 -1.02 -24.67
CA ILE A 403 22.37 0.16 -24.81
C ILE A 403 21.59 1.33 -25.41
N GLU A 404 20.89 1.10 -26.51
CA GLU A 404 20.23 2.21 -27.19
C GLU A 404 19.18 2.89 -26.33
N PRO A 405 18.22 2.18 -25.72
CA PRO A 405 17.27 2.86 -24.84
C PRO A 405 17.94 3.49 -23.63
N LEU A 406 18.94 2.81 -23.06
CA LEU A 406 19.69 3.37 -21.96
C LEU A 406 20.29 4.72 -22.34
N MET A 407 20.83 4.82 -23.55
CA MET A 407 21.42 6.08 -24.01
C MET A 407 20.35 7.13 -24.25
N ASN A 408 19.22 6.72 -24.83
CA ASN A 408 18.14 7.69 -25.05
C ASN A 408 17.71 8.33 -23.75
N LEU A 409 17.84 7.61 -22.63
CA LEU A 409 17.46 8.21 -21.36
C LEU A 409 18.48 9.24 -20.83
N LEU A 410 19.66 9.37 -21.44
CA LEU A 410 20.61 10.35 -20.97
C LEU A 410 20.23 11.78 -21.34
N SER A 411 19.22 11.96 -22.18
CA SER A 411 18.71 13.28 -22.52
C SER A 411 17.65 13.77 -21.55
N ALA A 412 17.43 13.06 -20.45
CA ALA A 412 16.39 13.39 -19.50
C ALA A 412 16.83 14.52 -18.58
N LYS A 413 15.85 15.17 -17.95
CA LYS A 413 16.11 16.33 -17.11
C LYS A 413 16.48 15.93 -15.68
N ASP A 414 15.97 14.80 -15.19
CA ASP A 414 16.27 14.35 -13.85
C ASP A 414 17.75 14.01 -13.70
N THR A 415 18.40 14.61 -12.69
CA THR A 415 19.83 14.40 -12.48
C THR A 415 20.12 13.00 -11.94
N LYS A 416 19.24 12.51 -11.04
CA LYS A 416 19.51 11.24 -10.39
C LYS A 416 19.52 10.08 -11.39
N ILE A 417 18.58 10.08 -12.34
CA ILE A 417 18.57 9.00 -13.32
C ILE A 417 19.83 9.05 -14.18
N ILE A 418 20.36 10.25 -14.44
CA ILE A 418 21.62 10.35 -15.18
C ILE A 418 22.72 9.67 -14.40
N GLN A 419 22.81 9.94 -13.10
CA GLN A 419 23.80 9.26 -12.27
C GLN A 419 23.64 7.74 -12.37
N VAL A 420 22.40 7.27 -12.25
CA VAL A 420 22.12 5.84 -12.28
C VAL A 420 22.59 5.22 -13.60
N ILE A 421 22.25 5.87 -14.72
CA ILE A 421 22.59 5.32 -16.02
C ILE A 421 24.10 5.32 -16.22
N LEU A 422 24.78 6.37 -15.78
CA LEU A 422 26.23 6.41 -15.92
C LEU A 422 26.88 5.29 -15.10
N ASP A 423 26.34 5.02 -13.91
CA ASP A 423 26.84 3.89 -13.13
C ASP A 423 26.66 2.58 -13.89
N ALA A 424 25.50 2.39 -14.51
CA ALA A 424 25.25 1.16 -15.27
C ALA A 424 26.23 1.03 -16.43
N ILE A 425 26.42 2.11 -17.19
CA ILE A 425 27.35 2.09 -18.32
C ILE A 425 28.74 1.72 -17.84
N SER A 426 29.17 2.31 -16.72
CA SER A 426 30.48 1.97 -16.16
C SER A 426 30.58 0.48 -15.84
N ASN A 427 29.54 -0.07 -15.22
CA ASN A 427 29.56 -1.51 -14.90
C ASN A 427 29.71 -2.35 -16.16
N ILE A 428 28.93 -2.01 -17.20
CA ILE A 428 29.01 -2.77 -18.44
C ILE A 428 30.41 -2.68 -19.02
N PHE A 429 31.05 -1.52 -18.91
CA PHE A 429 32.40 -1.38 -19.43
C PHE A 429 33.39 -2.22 -18.65
N GLN A 430 33.19 -2.37 -17.33
CA GLN A 430 34.06 -3.24 -16.57
C GLN A 430 33.95 -4.68 -17.06
N ALA A 431 32.73 -5.15 -17.32
CA ALA A 431 32.56 -6.47 -17.91
C ALA A 431 33.30 -6.57 -19.25
N ALA A 432 33.10 -5.59 -20.11
CA ALA A 432 33.77 -5.58 -21.40
C ALA A 432 35.29 -5.63 -21.24
N GLU A 433 35.82 -4.91 -20.24
CA GLU A 433 37.24 -4.98 -19.95
C GLU A 433 37.65 -6.42 -19.67
N LYS A 434 36.87 -7.12 -18.85
CA LYS A 434 37.20 -8.51 -18.60
C LYS A 434 37.19 -9.35 -19.88
N LEU A 435 36.45 -8.92 -20.91
CA LEU A 435 36.43 -9.67 -22.16
C LEU A 435 37.30 -9.08 -23.27
N GLY A 436 37.94 -7.92 -23.06
CA GLY A 436 38.66 -7.29 -24.14
C GLY A 436 37.77 -6.76 -25.23
N GLU A 437 36.50 -6.47 -24.92
CA GLU A 437 35.52 -6.01 -25.89
C GLU A 437 35.17 -4.54 -25.70
N THR A 438 35.96 -3.81 -24.91
CA THR A 438 35.65 -2.41 -24.65
C THR A 438 35.51 -1.60 -25.93
N GLU A 439 36.28 -1.96 -26.97
CA GLU A 439 36.24 -1.19 -28.21
C GLU A 439 34.93 -1.42 -28.96
N LYS A 440 34.47 -2.67 -29.02
CA LYS A 440 33.20 -2.96 -29.66
C LYS A 440 32.06 -2.24 -28.95
N LEU A 441 32.12 -2.19 -27.61
CA LEU A 441 31.10 -1.48 -26.86
C LEU A 441 31.18 0.02 -27.10
N SER A 442 32.40 0.57 -27.19
CA SER A 442 32.55 1.98 -27.54
C SER A 442 31.88 2.27 -28.88
N ILE A 443 32.17 1.46 -29.89
CA ILE A 443 31.59 1.67 -31.21
C ILE A 443 30.08 1.59 -31.14
N MET A 444 29.56 0.57 -30.43
CA MET A 444 28.12 0.40 -30.32
C MET A 444 27.47 1.62 -29.68
N ILE A 445 28.08 2.14 -28.61
CA ILE A 445 27.53 3.32 -27.95
C ILE A 445 27.61 4.52 -28.87
N GLU A 446 28.60 4.56 -29.76
CA GLU A 446 28.74 5.70 -30.66
C GLU A 446 27.71 5.65 -31.79
N GLU A 447 27.42 4.46 -32.30
CA GLU A 447 26.56 4.35 -33.48
C GLU A 447 25.12 4.76 -33.20
N CYS A 448 24.67 4.62 -31.96
CA CYS A 448 23.32 5.03 -31.58
C CYS A 448 23.27 6.46 -31.06
N GLY A 449 24.35 7.23 -31.21
CA GLY A 449 24.36 8.61 -30.78
C GLY A 449 24.56 8.82 -29.29
N GLY A 450 25.02 7.81 -28.56
CA GLY A 450 25.18 7.93 -27.12
C GLY A 450 26.38 8.76 -26.72
N LEU A 451 27.49 8.61 -27.46
CA LEU A 451 28.70 9.34 -27.14
C LEU A 451 28.45 10.85 -27.11
N ASP A 452 27.62 11.35 -28.03
CA ASP A 452 27.30 12.77 -28.03
C ASP A 452 26.69 13.19 -26.69
N LYS A 453 25.73 12.41 -26.20
CA LYS A 453 25.09 12.74 -24.93
C LYS A 453 26.09 12.67 -23.79
N ILE A 454 26.93 11.63 -23.76
CA ILE A 454 27.91 11.52 -22.68
C ILE A 454 28.83 12.72 -22.68
N GLU A 455 29.31 13.13 -23.86
CA GLU A 455 30.18 14.30 -23.94
C GLU A 455 29.46 15.54 -23.43
N ALA A 456 28.22 15.75 -23.86
CA ALA A 456 27.47 16.91 -23.41
C ALA A 456 27.26 16.91 -21.91
N LEU A 457 27.29 15.74 -21.26
CA LEU A 457 27.14 15.70 -19.81
C LEU A 457 28.40 16.16 -19.07
N GLN A 458 29.57 16.17 -19.73
CA GLN A 458 30.75 16.75 -19.10
C GLN A 458 30.48 18.17 -18.63
N ARG A 459 29.77 18.96 -19.44
CA ARG A 459 29.46 20.34 -19.12
C ARG A 459 28.08 20.41 -18.46
N HIS A 460 28.00 19.80 -17.28
CA HIS A 460 26.75 19.69 -16.55
C HIS A 460 26.89 20.34 -15.18
N GLU A 461 25.76 20.83 -14.66
CA GLU A 461 25.79 21.61 -13.43
C GLU A 461 26.21 20.74 -12.23
N ASN A 462 25.76 19.49 -12.19
CA ASN A 462 26.02 18.64 -11.04
C ASN A 462 27.46 18.12 -11.05
N GLU A 463 28.05 18.04 -9.86
CA GLU A 463 29.46 17.64 -9.75
C GLU A 463 29.65 16.16 -10.04
N SER A 464 28.80 15.31 -9.44
CA SER A 464 28.94 13.87 -9.64
C SER A 464 28.78 13.49 -11.11
N VAL A 465 27.81 14.10 -11.79
CA VAL A 465 27.62 13.87 -13.22
C VAL A 465 28.88 14.27 -13.98
N TYR A 466 29.40 15.46 -13.70
CA TYR A 466 30.63 15.94 -14.30
C TYR A 466 31.73 14.90 -14.18
N LYS A 467 32.01 14.46 -12.96
CA LYS A 467 33.08 13.49 -12.73
C LYS A 467 32.85 12.21 -13.52
N ALA A 468 31.65 11.63 -13.41
CA ALA A 468 31.39 10.34 -14.04
C ALA A 468 31.53 10.43 -15.56
N SER A 469 30.92 11.45 -16.18
CA SER A 469 30.94 11.55 -17.63
C SER A 469 32.35 11.82 -18.16
N LEU A 470 33.07 12.74 -17.52
CA LEU A 470 34.45 13.00 -17.93
C LEU A 470 35.29 11.74 -17.82
N ASN A 471 35.16 11.00 -16.71
CA ASN A 471 35.90 9.76 -16.56
C ASN A 471 35.57 8.78 -17.67
N LEU A 472 34.29 8.63 -18.00
CA LEU A 472 33.90 7.68 -19.03
C LEU A 472 34.52 8.02 -20.37
N ILE A 473 34.35 9.26 -20.82
CA ILE A 473 34.90 9.60 -22.14
C ILE A 473 36.42 9.52 -22.13
N GLU A 474 37.06 9.83 -21.00
CA GLU A 474 38.52 9.81 -20.97
C GLU A 474 39.05 8.38 -21.02
N LYS A 475 38.42 7.46 -20.29
CA LYS A 475 38.94 6.10 -20.19
C LYS A 475 38.56 5.21 -21.38
N TYR A 476 37.52 5.54 -22.12
CA TYR A 476 37.02 4.64 -23.16
C TYR A 476 36.90 5.30 -24.53
N PHE A 477 36.21 6.43 -24.60
CA PHE A 477 35.98 7.12 -25.87
C PHE A 477 37.09 8.12 -26.18
N SER A 478 38.33 7.64 -26.13
CA SER A 478 39.51 8.49 -26.32
C SER A 478 39.39 9.80 -25.55
N ASP B 2 21.74 -1.71 -1.90
CA ASP B 2 21.19 -1.97 -3.23
C ASP B 2 19.67 -2.07 -3.19
N LYS B 3 19.15 -2.72 -2.15
CA LYS B 3 17.70 -2.83 -1.98
C LYS B 3 17.12 -1.48 -1.55
N LYS B 4 16.06 -1.04 -2.24
CA LYS B 4 15.40 0.23 -1.98
C LYS B 4 14.00 -0.03 -1.46
N ARG B 5 13.65 0.61 -0.35
CA ARG B 5 12.35 0.45 0.30
C ARG B 5 11.41 1.58 -0.11
N LYS B 6 10.11 1.34 0.12
CA LYS B 6 9.09 2.27 -0.35
C LYS B 6 9.35 3.69 0.12
N ARG B 7 9.48 3.87 1.44
CA ARG B 7 9.67 5.22 1.98
C ARG B 7 10.89 5.90 1.35
N GLY B 8 11.94 5.13 1.08
CA GLY B 8 13.15 5.67 0.48
C GLY B 8 12.90 6.53 -0.73
N MET B 9 13.67 7.61 -0.85
CA MET B 9 13.57 8.52 -2.00
C MET B 9 14.78 9.44 -2.04
N HIS B 22 -1.65 4.38 -5.43
CA HIS B 22 -2.35 5.06 -4.35
C HIS B 22 -3.09 4.08 -3.44
N GLY B 23 -3.16 4.42 -2.16
CA GLY B 23 -3.86 3.58 -1.21
C GLY B 23 -5.36 3.79 -1.22
N ILE B 24 -6.06 2.89 -0.52
CA ILE B 24 -7.49 3.01 -0.34
C ILE B 24 -7.77 4.06 0.73
N GLU B 25 -9.01 4.52 0.83
CA GLU B 25 -9.35 5.54 1.79
C GLU B 25 -9.26 4.99 3.21
N SER B 26 -8.63 5.76 4.11
CA SER B 26 -8.53 5.34 5.50
C SER B 26 -9.85 5.50 6.25
N LYS B 27 -10.73 6.39 5.79
CA LYS B 27 -12.02 6.61 6.43
C LYS B 27 -13.14 6.45 5.42
N ARG B 28 -14.29 6.00 5.92
CA ARG B 28 -15.46 5.72 5.10
C ARG B 28 -16.71 6.27 5.80
N ARG B 29 -17.40 7.18 5.14
CA ARG B 29 -18.67 7.69 5.65
C ARG B 29 -19.80 6.78 5.19
N LYS B 30 -20.73 6.50 6.09
CA LYS B 30 -21.86 5.61 5.79
C LYS B 30 -23.03 6.45 5.29
N LYS B 31 -23.47 6.18 4.06
CA LYS B 31 -24.65 6.81 3.49
C LYS B 31 -25.81 5.85 3.32
N LYS B 32 -25.54 4.56 3.14
CA LYS B 32 -26.56 3.52 2.96
C LYS B 32 -27.80 4.04 2.25
#